data_6TMI
#
_entry.id   6TMI
#
_cell.length_a   1.00
_cell.length_b   1.00
_cell.length_c   1.00
_cell.angle_alpha   90.00
_cell.angle_beta   90.00
_cell.angle_gamma   90.00
#
_symmetry.space_group_name_H-M   'P 1'
#
loop_
_entity.id
_entity.type
_entity.pdbx_description
1 polymer 'ATP synthase subunit alpha'
2 polymer 'Oligomycin sensitivity conferring protein (OSCP)'
3 polymer 'subunit d'
4 polymer ATPTG12
5 polymer 'subunit b'
#
loop_
_entity_poly.entity_id
_entity_poly.type
_entity_poly.pdbx_seq_one_letter_code
_entity_poly.pdbx_strand_id
1 'polypeptide(L)'
;MTIHSCLARRAVSVAASGARAFASGLGARAVAVGALQSARLLHTSSLRAAGAKISPSEMSRLLEERIAGWKTQTSTEEVG
RVVSVGDGIARLFGLEGVQAGELVEFQNGMTGMALNLETDNVGVVIFGDDRSVLEGDSVKRTGRIVDVPIGPGLLGRVVD
ALGNPIDGKGPIPAKERRRVELKAPGIIPRKSVHEPMMTGLKCVDALVPVGRGQRELIIGDRQTGKTAVAVDAIINQKEI
NDSTDDESKKLYCIYVAVGQKRSTVAQIVKALEQRDAMKYTTVVAATASEAAPLQFLAPYSGCAMGEWFRDSGRHCVIIY
DDLSKQATAYRQMSLLLRRPPGREAYPGDVFYLHSRLLERAAKMGDKSGGGSLTALPVIETQAGDVSAYIPTNVISITDG
QIFLETELFYKGIRPAINVGLSVSRVGSAAQVKAMKQVAGTMKLELAQYREVAAFAQFGSDLDASTRQLLTRGTALTELL
KQRQYSPMKNSVQVCVLYCGVKGYLDPLDPKEISRFESLFIDYINANHQDILKTIETEKELSEKTEAKLRAAVDEFVAMN
EFKKK
;
C
2 'polypeptide(L)'
;MALPLLASRRLFSSFVFRGQPSTLSSNLSLVRIRGLHGGSLSPPSATLPRAVQLFSSRIAFSTAAAEDSGASQTLEGRYA
SALFRVAKKKNQLEKVYGDLESVRNALKDSSEFRLFVDSPAVSVQQKLDVLRQLVNRYKFDPLTGNLLTTLVENKRLPML
ARVADAFDAMYRKEKGEVKCLVTSAKPLSAQQQKEIVAALQNRAGTQARLIIDYAVSPQIMGGLVVRLGEQVLDFSVATR
LDRLQSQLLAPL
;
G
3 'polypeptide(L)'
;MQALRRGAAIPSRLLPRRDSWMSLAPFVAPNNAAAWRKLRDGAQEVQTVIERQSTPGKPQQIDWAKWESQIAHKDILNCL
KTFYTNQVQILDRALGALETAKTPAPCEGAEKGWALFDAALSACAKSVEKSEELLSNGARALWVSCSNPPVWKVNTNEWL
DSDQYWQAFVEKHHFYSQYQPGVVDPEAPQEVEAFKQAWHSRMGKFNDRSDTPMLYAYMNELPSWEYYDLHRSAFLEHMT
YFLVRTGGDFRFFPEMPPWQWLAHMENLRFKLLSVAQSRRSQLQLANLERERALDFLPVDVEHHGEEYTQKFLQYETELF
QACAARLMGHFMFLCDPFIPVQSAEALSAVTRVDNGKGKLFSLGDDVNALFYLPEQQRRDVERPTQAVQTLLGHLEATGR
PFNPCYSELLHVHAEVLEERGEHWLTAPGECVSQAFLRRLRTDDPAYEVYCSYFKEMYERFAGAKEVSMEDGRKRLATIE
KNAQEEAAAYGLALKTMGSAELAHKAREGAAKLEQLRKAQEKAAGKSAQTVQENKM
;
A
4 'polypeptide(L)'
;MLNFIPKRCPSVSLLFGKRPVQRIEVGQARHQLEIPVETIEKIYEGVDSRLEYHNKDYNAMKWKDFMKLKLDAYHLLEAS
QSETAAKSALSDLNWFSDLADIYSGQQTMAEMDVALKAQGEQKLSYPIQGKNIK
;
R
5 'polypeptide(L)'
;MNFSSSARWLAVRQSQTLGHTTRATVAAGRRVLAHSPAATEFTSFQSLHIGGDVCKLPLAVALGAAPSALGYGSAKHNQQ
RQYATLGSGWSFSKVQYTKYRITKPWTTDTTFDDIILSQPSKEDFAKFTKEAPLFLRFLKLVTDVEGRQEAFIQFAKRCE
NGLTVEKDVYVTKKELVDCLWKNGYTDTEINAFEIAFPADYKFHYPELAVLFDLTEEDCYKYCIRQRAATPEELVELKYT
KPKNLVSSYGLCFLGVWFGLSNTVLSNAWFYSKTFPFGAVFYMLGSYFYRDIREKLWKEEKSLIHTAQENKNMGEESVYK
QMKKYATDTKCLDYLSTFRTEVEDQIANYKVALVSQMRRQLTERLVEKLNGIQQAEKLIQGSLQDVMIREIVSSFKDLYK
SRPELHDAAMQSAIQGLSGSDGAMDPVGAHFKASLQELAKVNLSTATADPMGTVVQRVAAVFQKREKEFLDTFTVKATEA
QEIKTIVDKCHKGNTFDFHALSDEELRRLEQLYSTVNNRVGFETIHENSIKPVAPLSENSKGFVEFVNTQLEITKAKLRN
ARLTAFAHAFV
;
B
#
# COMPACT_ATOMS: atom_id res chain seq x y z
N ALA A 52 0.15 14.15 -2.71
CA ALA A 52 0.50 13.99 -1.31
C ALA A 52 0.44 15.33 -0.60
N LYS A 53 0.94 15.38 0.63
CA LYS A 53 0.82 16.57 1.47
C LYS A 53 1.77 16.42 2.66
N ILE A 54 1.91 17.53 3.38
CA ILE A 54 2.84 17.62 4.51
C ILE A 54 2.02 17.57 5.78
N SER A 55 2.63 17.05 6.85
CA SER A 55 1.88 16.85 8.08
C SER A 55 1.48 18.18 8.70
N PRO A 56 2.42 19.00 9.16
CA PRO A 56 2.07 20.01 10.16
C PRO A 56 1.13 21.08 9.62
N SER A 57 1.53 21.71 8.51
CA SER A 57 0.80 22.87 8.02
C SER A 57 -0.49 22.51 7.31
N GLU A 58 -0.57 21.29 6.76
CA GLU A 58 -1.70 20.91 5.93
C GLU A 58 -2.62 19.92 6.64
N MET A 59 -2.07 18.80 7.11
CA MET A 59 -2.92 17.76 7.67
C MET A 59 -3.61 18.24 8.94
N SER A 60 -2.88 18.95 9.80
CA SER A 60 -3.48 19.40 11.04
C SER A 60 -4.61 20.38 10.78
N ARG A 61 -4.39 21.33 9.87
CA ARG A 61 -5.45 22.23 9.47
C ARG A 61 -6.66 21.46 8.93
N LEU A 62 -6.41 20.43 8.12
CA LEU A 62 -7.51 19.65 7.55
C LEU A 62 -8.31 18.96 8.64
N LEU A 63 -7.60 18.26 9.54
CA LEU A 63 -8.29 17.55 10.61
C LEU A 63 -9.04 18.51 11.51
N GLU A 64 -8.47 19.67 11.79
CA GLU A 64 -9.21 20.70 12.51
C GLU A 64 -10.49 21.06 11.78
N GLU A 65 -10.42 21.19 10.46
CA GLU A 65 -11.61 21.46 9.67
C GLU A 65 -12.59 20.30 9.65
N ARG A 66 -12.13 19.11 10.05
CA ARG A 66 -12.96 17.90 9.94
C ARG A 66 -13.87 17.68 11.15
N ILE A 67 -13.53 18.22 12.31
CA ILE A 67 -14.13 17.75 13.56
C ILE A 67 -15.52 18.28 13.82
N ALA A 68 -15.93 19.38 13.19
CA ALA A 68 -17.17 20.05 13.55
C ALA A 68 -18.37 19.14 13.27
N GLY A 69 -19.17 18.87 14.31
CA GLY A 69 -20.35 18.05 14.14
C GLY A 69 -21.12 17.75 15.42
N TRP A 70 -22.44 17.70 15.30
CA TRP A 70 -23.34 17.53 16.43
C TRP A 70 -24.71 17.13 15.90
N LYS A 71 -25.49 16.48 16.76
CA LYS A 71 -26.90 16.24 16.50
C LYS A 71 -27.10 15.43 15.22
N GLN B 73 -50.95 -3.82 17.91
CA GLN B 73 -50.84 -4.63 16.70
C GLN B 73 -50.84 -6.11 17.04
N THR B 74 -50.21 -6.45 18.16
CA THR B 74 -50.11 -7.84 18.60
C THR B 74 -51.47 -8.32 19.11
N LEU B 75 -51.50 -9.53 19.66
CA LEU B 75 -52.74 -10.08 20.20
C LEU B 75 -53.22 -9.20 21.35
N GLU B 76 -52.44 -9.17 22.43
CA GLU B 76 -52.68 -8.17 23.46
C GLU B 76 -52.71 -6.77 22.87
N GLY B 77 -51.89 -6.50 21.84
CA GLY B 77 -52.04 -5.26 21.11
C GLY B 77 -53.38 -5.14 20.43
N ARG B 78 -53.92 -6.25 19.95
CA ARG B 78 -55.22 -6.22 19.30
C ARG B 78 -56.30 -5.82 20.28
N TYR B 79 -56.36 -6.50 21.42
CA TYR B 79 -57.36 -6.16 22.43
C TYR B 79 -57.15 -4.74 22.96
N ALA B 80 -55.89 -4.32 23.08
CA ALA B 80 -55.62 -2.97 23.57
C ALA B 80 -56.18 -1.92 22.61
N SER B 81 -55.80 -2.02 21.33
CA SER B 81 -56.30 -1.08 20.34
C SER B 81 -57.82 -1.14 20.26
N ALA B 82 -58.39 -2.34 20.37
CA ALA B 82 -59.84 -2.49 20.34
C ALA B 82 -60.49 -1.68 21.44
N LEU B 83 -60.15 -1.99 22.69
CA LEU B 83 -60.81 -1.34 23.80
C LEU B 83 -60.51 0.15 23.84
N PHE B 84 -59.31 0.56 23.41
CA PHE B 84 -58.97 1.97 23.44
C PHE B 84 -59.79 2.73 22.42
N ARG B 85 -59.70 2.34 21.15
CA ARG B 85 -60.43 3.05 20.12
C ARG B 85 -61.94 2.94 20.28
N VAL B 86 -62.43 1.94 21.01
CA VAL B 86 -63.87 1.86 21.25
C VAL B 86 -64.27 2.75 22.42
N ALA B 87 -63.42 2.83 23.44
CA ALA B 87 -63.80 3.44 24.70
C ALA B 87 -63.39 4.91 24.80
N LYS B 88 -62.46 5.34 23.96
CA LYS B 88 -62.06 6.74 23.97
C LYS B 88 -63.23 7.68 23.69
N LYS B 89 -64.26 7.20 23.01
CA LYS B 89 -65.31 8.09 22.55
C LYS B 89 -66.25 8.47 23.69
N LYS B 90 -66.89 7.48 24.29
CA LYS B 90 -67.98 7.68 25.22
C LYS B 90 -67.63 7.29 26.66
N ASN B 91 -66.73 6.33 26.83
CA ASN B 91 -66.53 5.71 28.14
C ASN B 91 -65.88 6.66 29.14
N GLN B 92 -65.27 7.75 28.67
CA GLN B 92 -64.41 8.58 29.52
C GLN B 92 -63.24 7.74 30.06
N LEU B 93 -62.41 7.33 29.12
CA LEU B 93 -61.34 6.35 29.32
C LEU B 93 -60.63 6.50 30.67
N GLU B 94 -60.43 7.74 31.12
CA GLU B 94 -59.88 7.95 32.45
C GLU B 94 -60.61 7.14 33.51
N LYS B 95 -61.93 7.03 33.37
CA LYS B 95 -62.69 6.15 34.27
C LYS B 95 -62.24 4.71 34.10
N VAL B 96 -62.14 4.26 32.85
CA VAL B 96 -61.68 2.90 32.58
C VAL B 96 -60.25 2.74 33.05
N TYR B 97 -59.44 3.79 32.88
CA TYR B 97 -58.06 3.72 33.35
C TYR B 97 -58.00 3.50 34.86
N GLY B 98 -58.84 4.22 35.61
CA GLY B 98 -58.87 4.02 37.05
C GLY B 98 -59.37 2.65 37.44
N ASP B 99 -60.41 2.17 36.77
CA ASP B 99 -60.94 0.84 37.08
C ASP B 99 -59.91 -0.23 36.80
N LEU B 100 -59.21 -0.12 35.66
CA LEU B 100 -58.19 -1.11 35.32
C LEU B 100 -57.00 -1.02 36.25
N GLU B 101 -56.68 0.17 36.75
CA GLU B 101 -55.60 0.26 37.74
C GLU B 101 -56.00 -0.43 39.03
N SER B 102 -57.26 -0.24 39.45
CA SER B 102 -57.76 -0.97 40.61
C SER B 102 -57.66 -2.48 40.39
N VAL B 103 -58.02 -2.93 39.19
CA VAL B 103 -57.97 -4.36 38.88
C VAL B 103 -56.54 -4.85 38.90
N ARG B 104 -55.61 -4.04 38.40
CA ARG B 104 -54.21 -4.44 38.37
C ARG B 104 -53.66 -4.57 39.77
N ASN B 105 -53.99 -3.63 40.65
CA ASN B 105 -53.52 -3.72 42.02
C ASN B 105 -54.15 -4.92 42.73
N ALA B 106 -55.44 -5.19 42.45
CA ALA B 106 -56.07 -6.38 43.03
C ALA B 106 -55.37 -7.65 42.58
N LEU B 107 -55.01 -7.72 41.29
CA LEU B 107 -54.21 -8.83 40.78
C LEU B 107 -52.92 -8.98 41.58
N LYS B 108 -52.12 -7.90 41.59
CA LYS B 108 -50.80 -7.99 42.22
C LYS B 108 -50.88 -8.29 43.71
N ASP B 109 -52.00 -7.98 44.35
CA ASP B 109 -52.10 -8.13 45.80
C ASP B 109 -53.00 -9.29 46.25
N SER B 110 -53.58 -10.05 45.32
CA SER B 110 -54.45 -11.15 45.72
C SER B 110 -53.67 -12.45 45.91
N SER B 111 -53.04 -12.92 44.84
CA SER B 111 -52.33 -14.19 44.76
C SER B 111 -53.29 -15.38 44.64
N GLU B 112 -54.59 -15.18 44.81
CA GLU B 112 -55.59 -16.15 44.42
C GLU B 112 -56.27 -15.80 43.11
N PHE B 113 -56.47 -14.51 42.87
CA PHE B 113 -56.98 -14.06 41.57
C PHE B 113 -55.99 -14.39 40.47
N ARG B 114 -54.70 -14.19 40.74
CA ARG B 114 -53.66 -14.68 39.86
C ARG B 114 -53.80 -16.18 39.67
N LEU B 115 -53.85 -16.92 40.78
CA LEU B 115 -54.16 -18.35 40.69
C LEU B 115 -55.46 -18.56 39.94
N PHE B 116 -56.45 -17.69 40.20
CA PHE B 116 -57.79 -17.92 39.67
C PHE B 116 -57.79 -17.95 38.15
N VAL B 117 -57.15 -16.96 37.53
CA VAL B 117 -57.01 -17.00 36.07
C VAL B 117 -56.06 -18.11 35.65
N ASP B 118 -55.05 -18.41 36.47
CA ASP B 118 -54.24 -19.59 36.22
C ASP B 118 -55.02 -20.87 36.47
N SER B 119 -56.04 -20.82 37.32
CA SER B 119 -56.78 -22.00 37.72
C SER B 119 -57.51 -22.61 36.52
N PRO B 120 -57.02 -23.71 35.96
CA PRO B 120 -57.51 -24.14 34.66
C PRO B 120 -58.69 -25.09 34.77
N ALA B 121 -58.83 -25.77 35.90
CA ALA B 121 -59.96 -26.67 36.12
C ALA B 121 -61.17 -25.95 36.71
N VAL B 122 -61.21 -24.63 36.57
CA VAL B 122 -62.36 -23.84 37.03
C VAL B 122 -63.45 -23.87 35.98
N SER B 123 -64.70 -23.87 36.43
CA SER B 123 -65.81 -23.77 35.50
C SER B 123 -65.95 -22.34 34.99
N VAL B 124 -66.15 -22.20 33.68
CA VAL B 124 -66.53 -20.91 33.13
C VAL B 124 -67.77 -20.37 33.81
N GLN B 125 -68.65 -21.27 34.28
CA GLN B 125 -69.81 -20.83 35.05
C GLN B 125 -69.37 -20.01 36.27
N GLN B 126 -68.49 -20.58 37.09
CA GLN B 126 -68.06 -19.86 38.28
C GLN B 126 -67.32 -18.59 37.93
N LYS B 127 -66.56 -18.59 36.83
CA LYS B 127 -65.84 -17.40 36.41
C LYS B 127 -66.81 -16.29 36.06
N LEU B 128 -67.81 -16.60 35.24
CA LEU B 128 -68.78 -15.60 34.83
C LEU B 128 -69.58 -15.11 36.02
N ASP B 129 -69.92 -16.00 36.94
CA ASP B 129 -70.64 -15.60 38.15
C ASP B 129 -69.78 -14.65 38.98
N VAL B 130 -68.50 -14.99 39.13
CA VAL B 130 -67.57 -14.15 39.88
C VAL B 130 -67.53 -12.77 39.27
N LEU B 131 -67.47 -12.69 37.95
CA LEU B 131 -67.31 -11.40 37.29
C LEU B 131 -68.58 -10.58 37.41
N ARG B 132 -69.72 -11.21 37.11
CA ARG B 132 -70.99 -10.51 37.21
C ARG B 132 -71.23 -10.00 38.63
N GLN B 133 -70.80 -10.76 39.64
CA GLN B 133 -70.96 -10.27 41.01
C GLN B 133 -69.92 -9.21 41.35
N LEU B 134 -68.71 -9.33 40.78
CA LEU B 134 -67.68 -8.34 41.01
C LEU B 134 -68.10 -6.99 40.46
N VAL B 135 -68.96 -7.01 39.43
CA VAL B 135 -69.56 -5.78 38.94
C VAL B 135 -70.23 -5.04 40.08
N ASN B 136 -71.01 -5.76 40.90
CA ASN B 136 -71.88 -5.16 41.89
C ASN B 136 -71.16 -4.83 43.19
N ARG B 137 -69.84 -5.02 43.24
CA ARG B 137 -69.07 -4.83 44.46
C ARG B 137 -68.12 -3.65 44.34
N TYR B 138 -67.26 -3.66 43.32
CA TYR B 138 -66.37 -2.56 43.02
C TYR B 138 -66.89 -1.76 41.84
N LYS B 139 -66.24 -0.63 41.59
CA LYS B 139 -66.52 0.15 40.40
C LYS B 139 -66.35 -0.73 39.16
N PHE B 140 -67.16 -0.45 38.15
CA PHE B 140 -67.24 -1.34 37.00
C PHE B 140 -67.85 -0.58 35.84
N ASP B 141 -67.45 -0.95 34.63
CA ASP B 141 -67.95 -0.37 33.40
C ASP B 141 -68.37 -1.48 32.45
N PRO B 142 -69.28 -1.19 31.52
CA PRO B 142 -69.86 -2.27 30.72
C PRO B 142 -68.83 -2.87 29.76
N LEU B 143 -68.07 -2.01 29.08
CA LEU B 143 -67.08 -2.52 28.14
C LEU B 143 -66.04 -3.37 28.84
N THR B 144 -65.76 -3.07 30.11
CA THR B 144 -64.91 -3.95 30.90
C THR B 144 -65.48 -5.35 30.95
N GLY B 145 -66.78 -5.46 31.23
CA GLY B 145 -67.41 -6.76 31.29
C GLY B 145 -67.41 -7.44 29.93
N ASN B 146 -67.65 -6.66 28.88
CA ASN B 146 -67.64 -7.24 27.54
C ASN B 146 -66.26 -7.80 27.23
N LEU B 147 -65.21 -7.08 27.62
CA LEU B 147 -63.85 -7.56 27.36
C LEU B 147 -63.53 -8.80 28.16
N LEU B 148 -64.00 -8.83 29.41
CA LEU B 148 -63.72 -9.97 30.26
C LEU B 148 -64.41 -11.23 29.72
N THR B 149 -65.68 -11.08 29.33
CA THR B 149 -66.37 -12.17 28.65
C THR B 149 -65.66 -12.58 27.37
N THR B 150 -65.09 -11.61 26.67
CA THR B 150 -64.39 -11.90 25.42
C THR B 150 -63.18 -12.79 25.70
N LEU B 151 -62.31 -12.34 26.60
CA LEU B 151 -61.11 -13.10 26.91
C LEU B 151 -61.46 -14.46 27.51
N VAL B 152 -62.63 -14.55 28.14
CA VAL B 152 -63.14 -15.86 28.55
C VAL B 152 -63.40 -16.72 27.33
N GLU B 153 -64.34 -16.28 26.48
CA GLU B 153 -64.83 -17.14 25.42
C GLU B 153 -63.74 -17.48 24.42
N ASN B 154 -62.78 -16.60 24.22
CA ASN B 154 -61.66 -16.88 23.32
C ASN B 154 -60.51 -17.62 23.99
N LYS B 155 -60.66 -17.97 25.27
CA LYS B 155 -59.64 -18.74 25.99
C LYS B 155 -58.34 -17.94 26.08
N ARG B 156 -58.48 -16.65 26.41
CA ARG B 156 -57.34 -15.73 26.40
C ARG B 156 -57.37 -14.85 27.64
N LEU B 157 -57.73 -15.42 28.79
CA LEU B 157 -57.82 -14.66 30.03
C LEU B 157 -56.48 -14.43 30.71
N PRO B 158 -55.56 -15.40 30.69
CA PRO B 158 -54.26 -15.18 31.32
C PRO B 158 -53.48 -14.02 30.75
N MET B 159 -53.86 -13.50 29.60
CA MET B 159 -53.22 -12.33 29.01
C MET B 159 -53.76 -11.04 29.60
N LEU B 160 -54.48 -11.11 30.71
CA LEU B 160 -55.21 -9.93 31.19
C LEU B 160 -54.27 -8.87 31.74
N ALA B 161 -53.32 -9.27 32.59
CA ALA B 161 -52.39 -8.28 33.15
C ALA B 161 -51.50 -7.68 32.07
N ARG B 162 -51.12 -8.49 31.09
CA ARG B 162 -50.28 -7.97 30.01
C ARG B 162 -51.02 -6.88 29.23
N VAL B 163 -52.30 -7.12 28.92
CA VAL B 163 -53.08 -6.13 28.20
C VAL B 163 -53.37 -4.93 29.08
N ALA B 164 -53.47 -5.15 30.38
CA ALA B 164 -53.65 -4.05 31.30
C ALA B 164 -52.46 -3.11 31.26
N ASP B 165 -51.26 -3.67 31.37
CA ASP B 165 -50.06 -2.85 31.28
C ASP B 165 -49.94 -2.20 29.90
N ALA B 166 -50.34 -2.92 28.85
CA ALA B 166 -50.36 -2.33 27.52
C ALA B 166 -51.24 -1.09 27.47
N PHE B 167 -52.42 -1.16 28.09
CA PHE B 167 -53.34 -0.04 28.08
C PHE B 167 -52.79 1.11 28.91
N ASP B 168 -52.17 0.79 30.04
CA ASP B 168 -51.57 1.84 30.85
C ASP B 168 -50.49 2.58 30.07
N ALA B 169 -49.59 1.82 29.44
CA ALA B 169 -48.55 2.44 28.62
C ALA B 169 -49.16 3.25 27.50
N MET B 170 -50.21 2.74 26.86
CA MET B 170 -50.85 3.44 25.75
C MET B 170 -51.39 4.79 26.20
N TYR B 171 -52.17 4.79 27.27
CA TYR B 171 -52.80 6.02 27.72
C TYR B 171 -51.77 7.02 28.24
N ARG B 172 -50.83 6.56 29.05
CA ARG B 172 -49.82 7.48 29.54
C ARG B 172 -48.92 7.97 28.42
N LYS B 173 -48.82 7.21 27.32
CA LYS B 173 -48.06 7.69 26.17
C LYS B 173 -48.84 8.73 25.41
N GLU B 174 -50.15 8.54 25.30
CA GLU B 174 -51.00 9.60 24.76
C GLU B 174 -50.80 10.88 25.54
N LYS B 175 -50.71 10.78 26.87
CA LYS B 175 -50.58 11.96 27.71
C LYS B 175 -49.12 12.39 27.92
N GLY B 176 -48.29 11.50 28.45
CA GLY B 176 -46.92 11.89 28.72
C GLY B 176 -45.94 10.76 28.94
N GLU B 177 -44.76 10.90 28.33
CA GLU B 177 -43.74 9.86 28.36
C GLU B 177 -42.95 9.81 29.66
N VAL B 178 -42.44 8.61 29.94
CA VAL B 178 -41.46 8.39 31.00
C VAL B 178 -40.15 8.00 30.35
N LYS B 179 -39.05 8.59 30.80
CA LYS B 179 -37.77 8.45 30.11
C LYS B 179 -36.68 8.04 31.09
N CYS B 180 -35.72 7.26 30.59
CA CYS B 180 -34.51 6.95 31.32
C CYS B 180 -33.47 8.02 31.07
N LEU B 181 -32.45 8.06 31.93
CA LEU B 181 -31.48 9.13 31.91
C LEU B 181 -30.34 8.78 32.85
N VAL B 182 -29.13 9.22 32.49
CA VAL B 182 -27.92 8.76 33.13
C VAL B 182 -27.01 9.94 33.44
N THR B 183 -26.25 9.82 34.52
CA THR B 183 -25.23 10.79 34.88
C THR B 183 -24.02 10.02 35.38
N SER B 184 -23.10 10.73 36.02
CA SER B 184 -22.03 10.10 36.78
C SER B 184 -22.43 9.95 38.25
N ALA B 185 -22.67 11.08 38.92
CA ALA B 185 -23.13 11.08 40.29
C ALA B 185 -24.25 12.11 40.42
N LYS B 186 -24.60 12.45 41.65
CA LYS B 186 -25.73 13.32 41.91
C LYS B 186 -25.54 14.68 41.26
N PRO B 187 -26.39 15.07 40.30
CA PRO B 187 -26.38 16.47 39.85
C PRO B 187 -27.14 17.36 40.82
N LEU B 188 -27.37 18.62 40.44
CA LEU B 188 -27.95 19.60 41.33
C LEU B 188 -29.36 19.97 40.90
N SER B 189 -30.12 20.51 41.86
CA SER B 189 -31.46 21.01 41.56
C SER B 189 -31.42 22.06 40.46
N ALA B 190 -30.36 22.87 40.41
CA ALA B 190 -30.25 23.87 39.36
C ALA B 190 -30.15 23.21 37.98
N GLN B 191 -29.10 22.42 37.78
CA GLN B 191 -28.99 21.75 36.49
C GLN B 191 -30.05 20.70 36.29
N GLN B 192 -30.67 20.19 37.37
CA GLN B 192 -31.84 19.34 37.19
C GLN B 192 -32.97 20.12 36.52
N GLN B 193 -33.25 21.32 37.03
CA GLN B 193 -34.23 22.21 36.41
C GLN B 193 -33.88 22.47 34.96
N LYS B 194 -32.61 22.78 34.71
CA LYS B 194 -32.15 23.03 33.34
C LYS B 194 -32.39 21.81 32.46
N GLU B 195 -32.09 20.63 32.97
CA GLU B 195 -32.27 19.40 32.21
C GLU B 195 -33.73 19.20 31.86
N ILE B 196 -34.62 19.38 32.83
CA ILE B 196 -36.03 19.10 32.60
C ILE B 196 -36.61 20.12 31.62
N VAL B 197 -36.21 21.39 31.73
CA VAL B 197 -36.78 22.39 30.84
C VAL B 197 -36.24 22.21 29.43
N ALA B 198 -34.97 21.82 29.30
CA ALA B 198 -34.41 21.58 27.98
C ALA B 198 -35.06 20.37 27.33
N ALA B 199 -35.25 19.29 28.10
CA ALA B 199 -35.92 18.11 27.55
C ALA B 199 -37.38 18.40 27.24
N LEU B 200 -37.98 19.38 27.92
CA LEU B 200 -39.37 19.71 27.64
C LEU B 200 -39.48 20.52 26.35
N GLN B 201 -38.59 21.51 26.18
CA GLN B 201 -38.60 22.25 24.92
C GLN B 201 -38.16 21.38 23.75
N ASN B 202 -37.37 20.33 24.00
CA ASN B 202 -37.04 19.39 22.94
C ASN B 202 -38.24 18.51 22.63
N ARG B 203 -38.89 17.98 23.67
CA ARG B 203 -40.06 17.14 23.49
C ARG B 203 -41.23 17.96 22.96
N ALA B 204 -41.51 19.09 23.62
CA ALA B 204 -42.77 19.79 23.47
C ALA B 204 -43.95 18.86 23.79
N GLY B 205 -43.72 17.95 24.72
CA GLY B 205 -44.75 17.10 25.25
C GLY B 205 -45.06 17.48 26.68
N THR B 206 -46.30 17.88 26.94
CA THR B 206 -46.57 18.66 28.14
C THR B 206 -46.38 17.83 29.41
N GLN B 207 -46.33 16.51 29.29
CA GLN B 207 -46.14 15.63 30.43
C GLN B 207 -44.90 14.79 30.23
N ALA B 208 -43.98 14.86 31.20
CA ALA B 208 -42.72 14.13 31.17
C ALA B 208 -42.38 13.70 32.58
N ARG B 209 -42.36 12.40 32.84
CA ARG B 209 -41.96 11.88 34.15
C ARG B 209 -40.74 10.97 33.98
N LEU B 210 -39.61 11.41 34.51
CA LEU B 210 -38.30 10.93 34.09
C LEU B 210 -37.71 9.96 35.11
N ILE B 211 -36.45 9.60 34.89
CA ILE B 211 -35.66 8.75 35.77
C ILE B 211 -34.30 9.42 35.99
N ILE B 212 -33.69 9.14 37.13
CA ILE B 212 -32.29 9.46 37.36
C ILE B 212 -31.51 8.17 37.52
N ASP B 213 -30.25 8.18 37.08
CA ASP B 213 -29.39 7.02 37.12
C ASP B 213 -27.93 7.45 37.23
N TYR B 214 -27.06 6.48 37.50
CA TYR B 214 -25.63 6.72 37.71
C TYR B 214 -24.87 5.59 37.04
N ALA B 215 -24.29 5.89 35.88
CA ALA B 215 -23.30 5.04 35.22
C ALA B 215 -22.14 5.92 34.77
N VAL B 216 -20.92 5.53 35.15
CA VAL B 216 -19.78 6.43 35.13
C VAL B 216 -18.87 6.19 33.94
N SER B 217 -19.22 5.25 33.06
CA SER B 217 -18.44 5.08 31.84
C SER B 217 -18.50 6.35 30.99
N PRO B 218 -19.68 6.80 30.52
CA PRO B 218 -19.77 8.17 30.02
C PRO B 218 -19.46 9.12 31.16
N GLN B 219 -18.32 9.80 31.07
CA GLN B 219 -17.61 10.20 32.27
C GLN B 219 -18.49 11.03 33.22
N ILE B 220 -18.93 12.21 32.78
CA ILE B 220 -19.95 12.95 33.51
C ILE B 220 -21.01 13.57 32.61
N MET B 221 -20.74 13.67 31.31
CA MET B 221 -21.68 14.37 30.44
C MET B 221 -22.94 13.57 30.24
N GLY B 222 -24.08 14.26 30.32
CA GLY B 222 -25.37 13.61 30.45
C GLY B 222 -25.91 12.86 29.27
N GLY B 223 -25.84 11.54 29.34
CA GLY B 223 -26.43 10.67 28.34
C GLY B 223 -27.75 10.13 28.86
N LEU B 224 -28.65 9.80 27.95
CA LEU B 224 -30.01 9.45 28.33
C LEU B 224 -30.68 8.77 27.15
N VAL B 225 -31.91 8.31 27.38
CA VAL B 225 -32.80 7.87 26.31
C VAL B 225 -34.20 8.37 26.60
N VAL B 226 -34.61 9.43 25.90
CA VAL B 226 -36.02 9.80 25.90
C VAL B 226 -36.79 8.64 25.25
N ARG B 227 -37.67 8.02 26.04
CA ARG B 227 -38.12 6.66 25.70
C ARG B 227 -39.06 6.65 24.51
N LEU B 228 -38.49 6.61 23.30
CA LEU B 228 -39.21 6.15 22.12
C LEU B 228 -38.33 5.28 21.23
N GLY B 229 -37.14 4.90 21.68
CA GLY B 229 -36.34 3.89 20.99
C GLY B 229 -35.40 4.45 19.94
N GLU B 230 -35.93 5.22 18.99
CA GLU B 230 -35.15 5.76 17.90
C GLU B 230 -34.53 7.13 18.23
N GLN B 231 -34.58 7.55 19.49
CA GLN B 231 -33.90 8.75 19.97
C GLN B 231 -33.16 8.40 21.27
N VAL B 232 -31.90 8.00 21.12
CA VAL B 232 -30.98 7.93 22.24
C VAL B 232 -29.90 8.98 21.99
N LEU B 233 -30.17 10.21 22.43
CA LEU B 233 -29.26 11.32 22.18
C LEU B 233 -28.09 11.22 23.15
N ASP B 234 -26.92 10.92 22.62
CA ASP B 234 -25.77 10.51 23.42
C ASP B 234 -24.84 11.69 23.69
N PHE B 235 -25.38 12.69 24.37
CA PHE B 235 -24.56 13.79 24.84
C PHE B 235 -23.68 13.27 25.96
N SER B 236 -22.50 12.76 25.58
CA SER B 236 -21.56 12.19 26.53
C SER B 236 -20.15 12.60 26.15
N VAL B 237 -19.22 12.33 27.05
CA VAL B 237 -17.81 12.63 26.85
C VAL B 237 -17.16 11.48 26.11
N ALA B 238 -17.15 10.30 26.72
CA ALA B 238 -16.41 9.19 26.16
C ALA B 238 -16.94 8.79 24.78
N THR B 239 -18.24 8.94 24.56
CA THR B 239 -18.82 8.51 23.29
C THR B 239 -18.40 9.43 22.16
N ARG B 240 -18.57 10.74 22.35
CA ARG B 240 -18.08 11.71 21.37
C ARG B 240 -16.59 11.55 21.16
N LEU B 241 -15.85 11.32 22.24
CA LEU B 241 -14.41 11.15 22.14
C LEU B 241 -14.06 9.97 21.25
N ASP B 242 -14.64 8.80 21.51
CA ASP B 242 -14.28 7.62 20.75
C ASP B 242 -14.75 7.73 19.31
N ARG B 243 -15.94 8.27 19.09
CA ARG B 243 -16.42 8.48 17.73
C ARG B 243 -15.47 9.39 16.96
N LEU B 244 -15.04 10.48 17.61
CA LEU B 244 -14.12 11.41 16.97
C LEU B 244 -12.79 10.74 16.66
N GLN B 245 -12.23 10.03 17.64
CA GLN B 245 -10.95 9.37 17.44
C GLN B 245 -11.01 8.39 16.28
N SER B 246 -11.99 7.49 16.31
CA SER B 246 -12.16 6.54 15.22
C SER B 246 -12.47 7.22 13.90
N GLN B 247 -12.99 8.45 13.94
CA GLN B 247 -13.21 9.19 12.71
C GLN B 247 -11.91 9.75 12.15
N LEU B 248 -11.09 10.35 13.00
CA LEU B 248 -9.91 11.07 12.56
C LEU B 248 -8.69 10.18 12.38
N LEU B 249 -8.83 8.87 12.55
CA LEU B 249 -7.84 7.94 12.04
C LEU B 249 -8.04 7.64 10.57
N ALA B 250 -8.99 8.31 9.93
CA ALA B 250 -9.24 8.07 8.52
C ALA B 250 -7.99 8.40 7.72
N PRO B 251 -7.90 7.89 6.49
CA PRO B 251 -6.72 8.16 5.66
C PRO B 251 -6.89 9.49 4.93
N LEU B 252 -6.00 10.43 5.23
CA LEU B 252 -5.96 11.70 4.54
C LEU B 252 -7.29 12.43 4.66
N SER C 20 20.26 -16.95 -44.49
CA SER C 20 20.05 -18.26 -45.11
C SER C 20 20.93 -19.32 -44.46
N TRP C 21 22.03 -18.88 -43.85
CA TRP C 21 23.02 -19.81 -43.32
C TRP C 21 22.50 -20.64 -42.17
N MET C 22 21.28 -20.39 -41.70
CA MET C 22 20.73 -21.16 -40.60
C MET C 22 20.16 -22.49 -41.08
N SER C 23 19.95 -22.64 -42.39
CA SER C 23 19.50 -23.89 -42.97
C SER C 23 20.68 -24.79 -43.34
N LEU C 24 21.81 -24.61 -42.67
CA LEU C 24 23.02 -25.37 -42.89
C LEU C 24 23.13 -26.57 -41.95
N ALA C 25 22.01 -26.99 -41.36
CA ALA C 25 22.07 -28.05 -40.36
C ALA C 25 22.45 -29.39 -40.97
N PRO C 26 21.71 -29.94 -41.93
CA PRO C 26 21.90 -31.35 -42.29
C PRO C 26 23.28 -31.68 -42.80
N PHE C 27 24.06 -30.68 -43.21
CA PHE C 27 25.45 -30.90 -43.57
C PHE C 27 26.34 -31.02 -42.36
N VAL C 28 25.77 -31.05 -41.17
CA VAL C 28 26.52 -31.28 -39.94
C VAL C 28 26.68 -32.77 -39.72
N ALA C 29 27.75 -33.14 -39.03
CA ALA C 29 28.00 -34.50 -38.59
C ALA C 29 28.08 -34.53 -37.06
N PRO C 30 27.89 -35.69 -36.45
CA PRO C 30 27.88 -35.74 -34.98
C PRO C 30 29.21 -35.35 -34.37
N ASN C 31 30.31 -35.44 -35.12
CA ASN C 31 31.57 -34.91 -34.63
C ASN C 31 31.61 -33.40 -34.61
N ASN C 32 30.72 -32.74 -35.36
CA ASN C 32 30.67 -31.29 -35.45
C ASN C 32 29.32 -30.76 -35.01
N ALA C 33 28.72 -31.39 -34.02
CA ALA C 33 27.34 -31.05 -33.64
C ALA C 33 27.33 -29.99 -32.55
N ALA C 34 27.95 -30.29 -31.41
CA ALA C 34 27.85 -29.41 -30.26
C ALA C 34 28.33 -28.01 -30.59
N ALA C 35 29.50 -27.92 -31.23
CA ALA C 35 29.97 -26.64 -31.75
C ALA C 35 28.86 -25.93 -32.52
N TRP C 36 28.32 -26.59 -33.54
CA TRP C 36 27.22 -26.02 -34.29
C TRP C 36 26.10 -25.60 -33.35
N ARG C 37 25.71 -26.50 -32.44
CA ARG C 37 24.61 -26.14 -31.54
C ARG C 37 24.97 -24.90 -30.75
N LYS C 38 26.21 -24.83 -30.26
CA LYS C 38 26.66 -23.63 -29.57
C LYS C 38 26.40 -22.42 -30.44
N LEU C 39 26.96 -22.44 -31.65
CA LEU C 39 26.74 -21.35 -32.59
C LEU C 39 25.26 -21.03 -32.69
N ARG C 40 24.45 -22.06 -32.91
CA ARG C 40 23.03 -21.83 -33.09
C ARG C 40 22.45 -21.14 -31.87
N ASP C 41 22.71 -21.70 -30.69
CA ASP C 41 22.16 -21.10 -29.49
C ASP C 41 22.69 -19.70 -29.29
N GLY C 42 23.97 -19.49 -29.63
CA GLY C 42 24.50 -18.15 -29.57
C GLY C 42 23.65 -17.17 -30.34
N ALA C 43 23.38 -17.49 -31.61
CA ALA C 43 22.58 -16.58 -32.40
C ALA C 43 21.20 -16.43 -31.81
N GLN C 44 20.66 -17.51 -31.26
CA GLN C 44 19.31 -17.41 -30.70
C GLN C 44 19.31 -16.36 -29.61
N GLU C 45 20.32 -16.38 -28.74
CA GLU C 45 20.41 -15.37 -27.71
C GLU C 45 20.30 -13.98 -28.32
N VAL C 46 21.11 -13.72 -29.33
CA VAL C 46 21.09 -12.40 -29.95
C VAL C 46 19.69 -12.07 -30.41
N GLN C 47 19.06 -12.99 -31.13
CA GLN C 47 17.77 -12.67 -31.69
C GLN C 47 16.74 -12.50 -30.58
N THR C 48 16.88 -13.27 -29.50
CA THR C 48 15.93 -13.12 -28.41
C THR C 48 16.02 -11.73 -27.81
N VAL C 49 17.21 -11.13 -27.86
CA VAL C 49 17.31 -9.72 -27.50
C VAL C 49 16.53 -8.86 -28.49
N ILE C 50 16.89 -8.95 -29.76
CA ILE C 50 16.65 -7.83 -30.66
C ILE C 50 15.15 -7.61 -30.84
N GLU C 51 14.45 -8.67 -31.24
CA GLU C 51 13.01 -8.56 -31.41
C GLU C 51 12.37 -8.03 -30.15
N ARG C 52 12.78 -8.57 -29.00
CA ARG C 52 12.25 -8.09 -27.74
C ARG C 52 12.45 -6.59 -27.60
N GLN C 53 13.68 -6.15 -27.79
CA GLN C 53 14.02 -4.75 -27.60
C GLN C 53 13.66 -3.92 -28.81
N SER C 54 12.75 -4.42 -29.65
CA SER C 54 12.06 -3.58 -30.61
C SER C 54 10.57 -3.85 -30.68
N THR C 55 10.02 -4.70 -29.80
CA THR C 55 8.57 -4.93 -29.86
C THR C 55 7.77 -3.82 -29.18
N PRO C 56 8.01 -3.49 -27.91
CA PRO C 56 7.24 -2.40 -27.29
C PRO C 56 7.67 -1.03 -27.78
N GLY C 57 8.91 -0.88 -28.20
CA GLY C 57 9.41 0.39 -28.71
C GLY C 57 9.89 1.33 -27.61
N LYS C 58 8.96 2.02 -26.94
CA LYS C 58 9.33 2.95 -25.88
C LYS C 58 8.14 3.26 -24.98
N PRO C 59 7.65 2.32 -24.19
CA PRO C 59 6.51 2.59 -23.30
C PRO C 59 6.88 3.08 -21.92
N GLN C 60 8.17 3.22 -21.62
CA GLN C 60 8.62 3.50 -20.23
C GLN C 60 8.65 5.01 -19.99
N GLN C 61 9.54 5.70 -20.70
CA GLN C 61 9.48 7.15 -20.90
C GLN C 61 8.90 7.93 -19.72
N ILE C 62 9.53 7.82 -18.55
CA ILE C 62 8.91 8.31 -17.32
C ILE C 62 8.76 9.82 -17.36
N ASP C 63 7.71 10.31 -16.71
CA ASP C 63 7.31 11.71 -16.74
C ASP C 63 7.42 12.24 -15.31
N TRP C 64 8.37 13.15 -15.09
CA TRP C 64 8.63 13.66 -13.75
C TRP C 64 7.57 14.61 -13.24
N ALA C 65 6.68 15.10 -14.09
CA ALA C 65 5.63 15.99 -13.61
C ALA C 65 4.78 15.29 -12.56
N LYS C 66 4.55 13.98 -12.74
CA LYS C 66 3.79 13.20 -11.77
C LYS C 66 4.57 13.07 -10.46
N TRP C 67 5.85 12.69 -10.54
CA TRP C 67 6.57 12.28 -9.34
C TRP C 67 7.03 13.49 -8.53
N GLU C 68 7.35 14.60 -9.19
CA GLU C 68 7.66 15.82 -8.44
C GLU C 68 6.50 16.22 -7.55
N SER C 69 5.27 15.98 -8.00
CA SER C 69 4.09 16.34 -7.22
C SER C 69 3.81 15.29 -6.15
N GLN C 70 3.85 14.01 -6.52
CA GLN C 70 3.44 12.96 -5.60
C GLN C 70 4.43 12.76 -4.46
N ILE C 71 5.61 13.39 -4.51
CA ILE C 71 6.62 13.21 -3.47
C ILE C 71 6.86 14.53 -2.78
N ALA C 72 7.17 14.45 -1.48
CA ALA C 72 7.29 15.63 -0.64
C ALA C 72 8.73 16.05 -0.39
N HIS C 73 9.71 15.16 -0.57
CA HIS C 73 11.09 15.53 -0.29
C HIS C 73 11.62 16.49 -1.34
N LYS C 74 11.68 16.05 -2.59
CA LYS C 74 12.06 16.89 -3.72
C LYS C 74 13.45 17.48 -3.52
N ASP C 75 14.32 16.73 -2.85
CA ASP C 75 15.71 17.10 -2.64
C ASP C 75 16.69 16.06 -3.16
N ILE C 76 16.36 14.77 -3.03
CA ILE C 76 17.13 13.69 -3.61
C ILE C 76 16.54 13.30 -4.95
N LEU C 77 15.22 13.45 -5.09
CA LEU C 77 14.58 13.23 -6.38
C LEU C 77 15.27 14.03 -7.47
N ASN C 78 15.68 15.25 -7.16
CA ASN C 78 16.29 16.11 -8.16
C ASN C 78 17.63 15.55 -8.63
N CYS C 79 18.48 15.12 -7.71
CA CYS C 79 19.78 14.58 -8.10
C CYS C 79 19.62 13.28 -8.88
N LEU C 80 18.70 12.42 -8.46
CA LEU C 80 18.43 11.19 -9.17
C LEU C 80 18.00 11.48 -10.61
N LYS C 81 17.04 12.40 -10.76
CA LYS C 81 16.62 12.78 -12.11
C LYS C 81 17.78 13.34 -12.91
N THR C 82 18.67 14.06 -12.24
CA THR C 82 19.84 14.60 -12.93
C THR C 82 20.71 13.49 -13.47
N PHE C 83 20.96 12.46 -12.66
CA PHE C 83 21.68 11.29 -13.13
C PHE C 83 21.00 10.68 -14.35
N TYR C 84 19.69 10.52 -14.27
CA TYR C 84 18.96 9.92 -15.39
C TYR C 84 19.19 10.70 -16.67
N THR C 85 18.92 12.01 -16.62
CA THR C 85 19.08 12.84 -17.80
C THR C 85 20.53 12.98 -18.23
N ASN C 86 21.48 12.69 -17.35
CA ASN C 86 22.88 12.74 -17.73
C ASN C 86 23.32 11.47 -18.42
N GLN C 87 22.69 10.34 -18.08
CA GLN C 87 23.03 9.08 -18.73
C GLN C 87 22.29 8.90 -20.04
N VAL C 88 21.04 9.35 -20.12
CA VAL C 88 20.30 9.14 -21.37
C VAL C 88 20.93 9.92 -22.51
N GLN C 89 21.53 11.07 -22.22
CA GLN C 89 22.22 11.83 -23.25
C GLN C 89 23.37 11.02 -23.84
N ILE C 90 24.17 10.40 -22.98
CA ILE C 90 25.32 9.67 -23.47
C ILE C 90 24.88 8.38 -24.15
N LEU C 91 23.78 7.78 -23.71
CA LEU C 91 23.25 6.63 -24.42
C LEU C 91 22.86 7.01 -25.84
N ASP C 92 22.04 8.04 -26.00
CA ASP C 92 21.63 8.46 -27.33
C ASP C 92 22.84 8.91 -28.15
N ARG C 93 23.86 9.44 -27.48
CA ARG C 93 25.09 9.81 -28.17
C ARG C 93 25.75 8.60 -28.79
N ALA C 94 26.03 7.58 -27.97
CA ALA C 94 26.64 6.37 -28.50
C ALA C 94 25.78 5.74 -29.57
N LEU C 95 24.46 5.74 -29.38
CA LEU C 95 23.55 5.17 -30.36
C LEU C 95 23.71 5.85 -31.71
N GLY C 96 23.52 7.17 -31.75
CA GLY C 96 23.71 7.89 -33.00
C GLY C 96 25.13 7.87 -33.50
N ALA C 97 26.11 7.56 -32.63
CA ALA C 97 27.50 7.53 -33.07
C ALA C 97 27.84 6.24 -33.81
N LEU C 98 27.35 5.10 -33.33
CA LEU C 98 27.56 3.85 -34.04
C LEU C 98 26.72 3.74 -35.30
N GLU C 99 25.75 4.64 -35.49
CA GLU C 99 24.86 4.59 -36.63
C GLU C 99 25.45 5.26 -37.87
N THR C 100 26.77 5.41 -37.92
CA THR C 100 27.44 5.90 -39.13
C THR C 100 27.13 5.00 -40.32
N CYS C 107 38.83 -1.66 -40.26
CA CYS C 107 39.44 -2.19 -39.04
C CYS C 107 40.35 -3.37 -39.35
N GLU C 108 40.95 -3.94 -38.30
CA GLU C 108 41.80 -5.10 -38.44
C GLU C 108 41.50 -6.22 -37.44
N GLY C 109 40.88 -5.92 -36.30
CA GLY C 109 40.73 -6.90 -35.26
C GLY C 109 39.95 -8.13 -35.66
N ALA C 110 39.14 -8.03 -36.73
CA ALA C 110 38.26 -9.10 -37.15
C ALA C 110 38.75 -9.82 -38.40
N GLU C 111 39.58 -9.18 -39.22
CA GLU C 111 40.01 -9.82 -40.45
C GLU C 111 40.79 -11.09 -40.15
N LYS C 112 41.43 -11.16 -39.00
CA LYS C 112 42.20 -12.34 -38.63
C LYS C 112 41.32 -13.57 -38.47
N GLY C 113 40.00 -13.39 -38.42
CA GLY C 113 39.08 -14.50 -38.36
C GLY C 113 38.33 -14.65 -39.66
N TRP C 114 38.08 -13.52 -40.34
CA TRP C 114 37.50 -13.63 -41.67
C TRP C 114 38.44 -14.37 -42.60
N ALA C 115 39.74 -14.37 -42.32
CA ALA C 115 40.64 -15.23 -43.08
C ALA C 115 40.35 -16.70 -42.83
N LEU C 116 40.06 -17.05 -41.58
CA LEU C 116 39.64 -18.42 -41.29
C LEU C 116 38.39 -18.76 -42.07
N PHE C 117 37.45 -17.82 -42.11
CA PHE C 117 36.20 -18.05 -42.82
C PHE C 117 36.46 -18.28 -44.30
N ASP C 118 37.31 -17.45 -44.90
CA ASP C 118 37.58 -17.59 -46.33
C ASP C 118 38.30 -18.90 -46.63
N ALA C 119 39.21 -19.31 -45.75
CA ALA C 119 39.85 -20.62 -45.92
C ALA C 119 38.80 -21.73 -45.86
N ALA C 120 37.87 -21.63 -44.92
CA ALA C 120 36.81 -22.63 -44.84
C ALA C 120 35.95 -22.62 -46.10
N LEU C 121 35.67 -21.43 -46.63
CA LEU C 121 34.91 -21.31 -47.86
C LEU C 121 35.61 -22.04 -49.00
N SER C 122 36.90 -21.78 -49.17
CA SER C 122 37.66 -22.44 -50.22
C SER C 122 37.66 -23.94 -50.02
N ALA C 123 37.77 -24.40 -48.77
CA ALA C 123 37.75 -25.83 -48.50
C ALA C 123 36.41 -26.44 -48.87
N CYS C 124 35.32 -25.77 -48.51
CA CYS C 124 34.00 -26.31 -48.80
C CYS C 124 33.75 -26.32 -50.30
N ALA C 125 34.29 -25.35 -51.05
CA ALA C 125 34.17 -25.41 -52.49
C ALA C 125 35.02 -26.54 -53.07
N LYS C 126 36.19 -26.76 -52.46
CA LYS C 126 37.07 -27.85 -52.89
C LYS C 126 36.45 -29.20 -52.62
N SER C 127 35.55 -29.28 -51.65
CA SER C 127 34.82 -30.51 -51.37
C SER C 127 33.56 -30.65 -52.22
N VAL C 128 32.86 -29.55 -52.48
CA VAL C 128 31.65 -29.65 -53.28
C VAL C 128 32.00 -29.96 -54.73
N GLU C 129 33.15 -29.48 -55.20
CA GLU C 129 33.59 -29.83 -56.53
C GLU C 129 33.90 -31.31 -56.62
N LYS C 130 34.46 -31.87 -55.55
CA LYS C 130 34.68 -33.31 -55.50
C LYS C 130 33.36 -34.06 -55.60
N SER C 131 32.35 -33.61 -54.86
CA SER C 131 31.04 -34.23 -54.89
C SER C 131 30.11 -33.59 -55.91
N GLU C 132 30.66 -32.97 -56.94
CA GLU C 132 29.89 -32.56 -58.11
C GLU C 132 30.35 -33.27 -59.36
N GLU C 133 31.45 -34.01 -59.28
CA GLU C 133 31.73 -35.06 -60.26
C GLU C 133 30.49 -35.90 -60.50
N LEU C 134 29.86 -36.33 -59.42
CA LEU C 134 28.78 -37.29 -59.44
C LEU C 134 27.43 -36.63 -59.70
N THR D 84 24.30 -48.87 -43.39
CA THR D 84 25.38 -47.97 -42.98
C THR D 84 25.70 -46.98 -44.09
N ALA D 85 24.66 -46.44 -44.72
CA ALA D 85 24.84 -45.46 -45.79
C ALA D 85 25.42 -44.16 -45.21
N ALA D 86 25.63 -43.20 -46.09
CA ALA D 86 26.20 -41.90 -45.71
C ALA D 86 25.54 -40.82 -46.54
N LYS D 87 24.79 -39.95 -45.89
CA LYS D 87 24.37 -38.70 -46.51
C LYS D 87 25.56 -37.76 -46.60
N SER D 88 25.34 -36.61 -47.24
CA SER D 88 26.37 -35.57 -47.34
C SER D 88 27.61 -36.15 -48.02
N ALA D 89 27.44 -36.43 -49.31
CA ALA D 89 28.54 -36.94 -50.13
C ALA D 89 29.80 -36.12 -49.96
N LEU D 90 29.66 -34.84 -49.63
CA LEU D 90 30.80 -34.03 -49.22
C LEU D 90 31.61 -34.76 -48.15
N SER D 91 32.91 -34.51 -48.18
CA SER D 91 33.87 -35.25 -47.35
C SER D 91 33.88 -34.69 -45.94
N ASP D 92 34.91 -35.02 -45.17
CA ASP D 92 35.02 -34.59 -43.78
C ASP D 92 34.96 -33.07 -43.70
N LEU D 93 33.88 -32.55 -43.12
CA LEU D 93 33.75 -31.12 -42.85
C LEU D 93 34.41 -30.79 -41.52
N ASN D 94 35.23 -29.76 -41.51
CA ASN D 94 35.99 -29.40 -40.32
C ASN D 94 36.01 -27.89 -40.09
N TRP D 95 35.06 -27.15 -40.66
CA TRP D 95 35.02 -25.70 -40.55
C TRP D 95 33.75 -25.24 -39.83
N PHE D 96 33.22 -26.05 -38.93
CA PHE D 96 32.14 -25.63 -38.06
C PHE D 96 32.66 -25.03 -36.76
N SER D 97 33.87 -25.42 -36.34
CA SER D 97 34.44 -24.84 -35.13
C SER D 97 34.82 -23.38 -35.35
N ASP D 98 35.46 -23.09 -36.48
CA ASP D 98 35.94 -21.74 -36.75
C ASP D 98 34.77 -20.77 -36.84
N LEU D 99 33.65 -21.20 -37.40
CA LEU D 99 32.49 -20.32 -37.48
C LEU D 99 32.01 -19.96 -36.08
N ALA D 100 31.93 -20.95 -35.19
CA ALA D 100 31.53 -20.67 -33.82
C ALA D 100 32.49 -19.70 -33.16
N ASP D 101 33.79 -19.90 -33.36
CA ASP D 101 34.78 -19.04 -32.74
C ASP D 101 34.66 -17.61 -33.24
N ILE D 102 34.46 -17.42 -34.55
CA ILE D 102 34.37 -16.06 -35.04
C ILE D 102 33.06 -15.41 -34.62
N TYR D 103 32.00 -16.20 -34.47
CA TYR D 103 30.74 -15.64 -34.00
C TYR D 103 30.87 -15.12 -32.59
N SER D 104 31.37 -15.96 -31.69
CA SER D 104 31.60 -15.53 -30.32
C SER D 104 32.57 -14.35 -30.26
N GLY D 105 33.58 -14.35 -31.13
CA GLY D 105 34.54 -13.26 -31.11
C GLY D 105 33.92 -11.95 -31.55
N GLN D 106 33.12 -11.97 -32.61
CA GLN D 106 32.49 -10.75 -33.06
C GLN D 106 31.46 -10.27 -32.03
N GLN D 107 30.73 -11.22 -31.44
CA GLN D 107 29.77 -10.87 -30.40
C GLN D 107 30.44 -10.15 -29.24
N THR D 108 31.52 -10.73 -28.72
CA THR D 108 32.23 -10.11 -27.61
C THR D 108 32.86 -8.79 -28.01
N MET D 109 33.44 -8.73 -29.21
CA MET D 109 34.08 -7.49 -29.64
C MET D 109 33.07 -6.37 -29.77
N ALA D 110 31.84 -6.69 -30.15
CA ALA D 110 30.78 -5.69 -30.13
C ALA D 110 30.39 -5.33 -28.71
N GLU D 111 30.21 -6.35 -27.87
CA GLU D 111 29.79 -6.11 -26.50
C GLU D 111 30.76 -5.20 -25.77
N MET D 112 32.03 -5.25 -26.12
CA MET D 112 33.05 -4.43 -25.46
C MET D 112 33.58 -3.31 -26.34
N ASP D 113 33.01 -3.10 -27.52
CA ASP D 113 33.07 -1.80 -28.18
C ASP D 113 31.84 -0.96 -27.87
N VAL D 114 30.84 -1.54 -27.22
CA VAL D 114 29.73 -0.75 -26.70
C VAL D 114 30.14 -0.02 -25.43
N ALA D 115 30.51 -0.78 -24.40
CA ALA D 115 30.66 -0.22 -23.07
C ALA D 115 31.87 0.69 -22.96
N LEU D 116 32.64 0.88 -24.03
CA LEU D 116 33.56 2.01 -24.05
C LEU D 116 32.80 3.31 -24.24
N LYS D 117 31.65 3.26 -24.90
CA LYS D 117 30.89 4.45 -25.22
C LYS D 117 29.86 4.77 -24.15
N ALA D 118 29.21 3.74 -23.60
CA ALA D 118 28.17 3.93 -22.61
C ALA D 118 28.71 4.12 -21.21
N GLN D 119 30.01 4.37 -21.06
CA GLN D 119 30.60 4.69 -19.77
C GLN D 119 31.61 5.82 -19.92
N GLY D 120 31.19 6.89 -20.59
CA GLY D 120 31.96 8.12 -20.52
C GLY D 120 32.12 8.58 -19.09
N GLU D 121 31.00 8.65 -18.36
CA GLU D 121 30.97 8.89 -16.92
C GLU D 121 31.73 10.17 -16.57
N GLN D 122 31.12 11.28 -17.01
CA GLN D 122 31.64 12.60 -16.71
C GLN D 122 31.76 12.77 -15.21
N LYS D 123 30.63 12.79 -14.52
CA LYS D 123 30.57 12.85 -13.07
C LYS D 123 29.24 12.28 -12.62
N LEU D 124 29.15 12.00 -11.33
CA LEU D 124 27.92 11.49 -10.74
C LEU D 124 27.51 12.39 -9.60
N SER D 125 26.27 12.19 -9.14
CA SER D 125 25.67 12.98 -8.07
C SER D 125 25.07 12.01 -7.06
N TYR D 126 25.85 11.68 -6.06
CA TYR D 126 25.37 10.77 -5.02
C TYR D 126 24.79 11.57 -3.86
N PRO D 127 23.55 11.32 -3.45
CA PRO D 127 23.03 11.98 -2.25
C PRO D 127 23.64 11.37 -0.99
N ILE D 128 24.22 12.22 -0.15
CA ILE D 128 24.93 11.80 1.05
C ILE D 128 24.35 12.54 2.24
N GLN D 129 24.12 11.80 3.33
CA GLN D 129 23.54 12.39 4.51
C GLN D 129 24.47 13.46 5.07
N GLY D 130 23.89 14.58 5.50
CA GLY D 130 24.63 15.65 6.10
C GLY D 130 25.15 16.69 5.13
N LYS D 131 25.41 16.31 3.88
CA LYS D 131 25.99 17.23 2.90
C LYS D 131 25.03 17.53 1.76
N ASN D 132 24.61 16.51 1.00
CA ASN D 132 23.75 16.75 -0.14
C ASN D 132 22.30 16.96 0.26
N ILE D 133 21.93 16.54 1.46
CA ILE D 133 20.55 16.64 1.92
C ILE D 133 20.37 17.93 2.71
N GLN E 321 17.99 -42.36 -57.07
CA GLN E 321 18.70 -42.28 -55.80
C GLN E 321 19.49 -40.98 -55.65
N MET E 322 20.52 -40.85 -56.49
CA MET E 322 21.35 -39.67 -56.50
C MET E 322 20.55 -38.38 -56.65
N LYS E 323 19.29 -38.51 -57.09
CA LYS E 323 18.36 -37.39 -57.02
C LYS E 323 18.24 -36.87 -55.59
N LYS E 324 18.63 -37.67 -54.61
CA LYS E 324 18.89 -37.17 -53.26
C LYS E 324 19.88 -36.03 -53.26
N TYR E 325 21.14 -36.32 -53.61
CA TYR E 325 22.28 -35.53 -53.16
C TYR E 325 22.42 -34.21 -53.90
N ALA E 326 21.46 -33.84 -54.74
CA ALA E 326 21.51 -32.53 -55.38
C ALA E 326 21.49 -31.40 -54.37
N THR E 327 21.08 -31.66 -53.13
CA THR E 327 21.14 -30.63 -52.10
C THR E 327 22.58 -30.19 -51.85
N ASP E 328 23.55 -31.07 -52.05
CA ASP E 328 24.89 -30.84 -51.55
C ASP E 328 25.63 -29.74 -52.31
N THR E 329 25.03 -29.15 -53.34
CA THR E 329 25.65 -27.99 -53.98
C THR E 329 25.38 -26.71 -53.20
N LYS E 330 24.28 -26.65 -52.47
CA LYS E 330 23.85 -25.45 -51.77
C LYS E 330 24.55 -25.24 -50.44
N CYS E 331 25.61 -26.01 -50.17
CA CYS E 331 26.46 -25.80 -49.01
C CYS E 331 27.61 -24.83 -49.27
N LEU E 332 27.47 -23.93 -50.24
CA LEU E 332 28.49 -22.92 -50.46
C LEU E 332 27.91 -21.52 -50.50
N ASP E 333 26.69 -21.38 -51.00
CA ASP E 333 26.00 -20.09 -50.91
C ASP E 333 25.81 -19.70 -49.46
N TYR E 334 25.55 -20.69 -48.61
CA TYR E 334 25.20 -20.41 -47.22
C TYR E 334 26.31 -19.65 -46.52
N LEU E 335 27.56 -19.89 -46.90
CA LEU E 335 28.66 -19.29 -46.15
C LEU E 335 28.92 -17.85 -46.60
N SER E 336 28.83 -17.61 -47.91
CA SER E 336 28.78 -16.23 -48.39
C SER E 336 27.70 -15.46 -47.65
N THR E 337 26.52 -16.06 -47.50
CA THR E 337 25.47 -15.36 -46.75
C THR E 337 25.83 -15.25 -45.28
N PHE E 338 26.64 -16.17 -44.76
CA PHE E 338 27.08 -16.07 -43.39
C PHE E 338 27.84 -14.77 -43.17
N ARG E 339 28.86 -14.55 -44.00
CA ARG E 339 29.65 -13.33 -43.86
C ARG E 339 28.82 -12.10 -44.15
N THR E 340 27.86 -12.19 -45.06
CA THR E 340 27.05 -11.02 -45.36
C THR E 340 26.10 -10.69 -44.22
N GLU E 341 25.58 -11.72 -43.54
CA GLU E 341 24.59 -11.53 -42.50
C GLU E 341 25.23 -11.08 -41.19
N VAL E 342 26.23 -11.81 -40.72
CA VAL E 342 26.75 -11.60 -39.38
C VAL E 342 27.33 -10.20 -39.18
N GLU E 343 27.77 -9.55 -40.25
CA GLU E 343 28.18 -8.15 -40.15
C GLU E 343 27.00 -7.19 -40.19
N ASP E 344 25.79 -7.68 -40.08
CA ASP E 344 24.60 -6.84 -39.96
C ASP E 344 23.75 -7.24 -38.77
N GLN E 345 23.57 -8.54 -38.55
CA GLN E 345 22.93 -9.04 -37.35
C GLN E 345 23.67 -8.60 -36.10
N ILE E 346 24.94 -8.23 -36.23
CA ILE E 346 25.72 -7.67 -35.13
C ILE E 346 25.51 -6.17 -35.01
N ALA E 347 25.44 -5.45 -36.13
CA ALA E 347 25.17 -4.02 -36.06
C ALA E 347 23.78 -3.75 -35.51
N ASN E 348 22.87 -4.69 -35.66
CA ASN E 348 21.57 -4.64 -35.00
C ASN E 348 21.56 -5.40 -33.68
N TYR E 349 22.71 -5.48 -33.02
CA TYR E 349 22.84 -5.99 -31.68
C TYR E 349 23.30 -4.92 -30.70
N LYS E 350 24.24 -4.08 -31.12
CA LYS E 350 24.70 -3.00 -30.26
C LYS E 350 23.55 -2.05 -29.93
N VAL E 351 22.72 -1.75 -30.92
CA VAL E 351 21.53 -0.95 -30.71
C VAL E 351 20.64 -1.55 -29.64
N ALA E 352 20.32 -2.84 -29.80
CA ALA E 352 19.45 -3.49 -28.84
C ALA E 352 20.09 -3.53 -27.46
N LEU E 353 21.41 -3.60 -27.40
CA LEU E 353 22.08 -3.63 -26.10
C LEU E 353 21.95 -2.28 -25.42
N VAL E 354 22.17 -1.21 -26.17
CA VAL E 354 21.92 0.14 -25.68
C VAL E 354 20.50 0.23 -25.10
N SER E 355 19.51 -0.15 -25.89
CA SER E 355 18.14 -0.04 -25.41
C SER E 355 17.88 -0.96 -24.22
N GLN E 356 18.56 -2.10 -24.14
CA GLN E 356 18.45 -2.94 -22.96
C GLN E 356 18.92 -2.19 -21.73
N MET E 357 20.07 -1.52 -21.83
CA MET E 357 20.59 -0.79 -20.71
C MET E 357 19.64 0.33 -20.30
N ARG E 358 19.10 1.04 -21.29
CA ARG E 358 18.13 2.09 -21.01
C ARG E 358 16.93 1.53 -20.24
N ARG E 359 16.39 0.41 -20.72
CA ARG E 359 15.23 -0.18 -20.10
C ARG E 359 15.52 -0.59 -18.67
N GLN E 360 16.67 -1.20 -18.42
CA GLN E 360 16.97 -1.66 -17.08
C GLN E 360 17.14 -0.47 -16.14
N LEU E 361 17.81 0.58 -16.62
CA LEU E 361 17.98 1.79 -15.82
C LEU E 361 16.64 2.39 -15.44
N THR E 362 15.78 2.61 -16.43
CA THR E 362 14.46 3.19 -16.18
C THR E 362 13.67 2.36 -15.19
N GLU E 363 13.62 1.04 -15.40
CA GLU E 363 12.85 0.19 -14.49
C GLU E 363 13.40 0.27 -13.08
N ARG E 364 14.72 0.31 -12.93
CA ARG E 364 15.31 0.44 -11.61
C ARG E 364 14.83 1.72 -10.93
N LEU E 365 14.92 2.85 -11.64
CA LEU E 365 14.49 4.11 -11.06
C LEU E 365 13.01 4.08 -10.69
N VAL E 366 12.18 3.48 -11.55
CA VAL E 366 10.75 3.45 -11.27
C VAL E 366 10.46 2.66 -10.01
N GLU E 367 11.12 1.51 -9.85
CA GLU E 367 10.89 0.74 -8.64
C GLU E 367 11.36 1.51 -7.41
N LYS E 368 12.45 2.26 -7.57
CA LYS E 368 12.92 3.10 -6.48
C LYS E 368 11.85 4.11 -6.07
N LEU E 369 11.23 4.76 -7.05
CA LEU E 369 10.26 5.79 -6.73
C LEU E 369 8.99 5.19 -6.15
N ASN E 370 8.58 4.02 -6.61
CA ASN E 370 7.45 3.35 -5.97
C ASN E 370 7.76 3.06 -4.50
N GLY E 371 8.97 2.60 -4.23
CA GLY E 371 9.32 2.28 -2.87
C GLY E 371 9.34 3.51 -1.99
N ILE E 372 9.90 4.60 -2.50
CA ILE E 372 10.03 5.81 -1.69
C ILE E 372 8.66 6.42 -1.44
N GLN E 373 7.77 6.38 -2.43
CA GLN E 373 6.42 6.86 -2.24
C GLN E 373 5.70 6.04 -1.17
N GLN E 374 5.83 4.72 -1.24
CA GLN E 374 5.16 3.89 -0.25
C GLN E 374 5.70 4.18 1.15
N ALA E 375 7.01 4.40 1.27
CA ALA E 375 7.57 4.70 2.57
C ALA E 375 7.02 6.01 3.12
N GLU E 376 6.99 7.04 2.29
CA GLU E 376 6.41 8.32 2.72
C GLU E 376 4.96 8.14 3.18
N LYS E 377 4.19 7.36 2.43
CA LYS E 377 2.79 7.15 2.78
C LYS E 377 2.67 6.50 4.15
N LEU E 378 3.43 5.44 4.38
CA LEU E 378 3.32 4.74 5.65
C LEU E 378 3.82 5.60 6.79
N ILE E 379 4.80 6.45 6.52
CA ILE E 379 5.24 7.42 7.53
C ILE E 379 4.09 8.31 7.94
N GLN E 380 3.42 8.92 6.97
CA GLN E 380 2.39 9.90 7.35
C GLN E 380 1.23 9.19 8.04
N GLY E 381 0.91 7.97 7.61
CA GLY E 381 -0.09 7.18 8.29
C GLY E 381 0.23 6.97 9.76
N SER E 382 1.41 6.41 10.05
CA SER E 382 1.81 6.22 11.43
C SER E 382 1.86 7.53 12.19
N LEU E 383 2.22 8.61 11.49
CA LEU E 383 2.30 9.91 12.13
C LEU E 383 0.95 10.36 12.64
N GLN E 384 -0.06 10.36 11.78
CA GLN E 384 -1.37 10.80 12.24
C GLN E 384 -1.94 9.84 13.28
N ASP E 385 -1.65 8.54 13.14
CA ASP E 385 -2.05 7.58 14.16
C ASP E 385 -1.56 8.01 15.54
N VAL E 386 -0.26 8.26 15.67
CA VAL E 386 0.26 8.63 16.98
C VAL E 386 -0.24 10.01 17.38
N MET E 387 -0.41 10.91 16.41
CA MET E 387 -0.87 12.26 16.72
C MET E 387 -2.23 12.20 17.39
N ILE E 388 -3.06 11.25 16.99
CA ILE E 388 -4.35 11.07 17.62
C ILE E 388 -4.22 10.36 18.96
N ARG E 389 -3.43 9.29 18.99
CA ARG E 389 -3.30 8.51 20.21
C ARG E 389 -2.84 9.39 21.37
N GLU E 390 -1.84 10.25 21.12
CA GLU E 390 -1.26 10.99 22.22
C GLU E 390 -2.18 12.10 22.70
N ILE E 391 -2.84 12.80 21.77
CA ILE E 391 -3.82 13.80 22.17
C ILE E 391 -4.91 13.15 23.01
N VAL E 392 -5.34 11.95 22.62
CA VAL E 392 -6.42 11.28 23.33
C VAL E 392 -5.97 10.94 24.74
N SER E 393 -4.77 10.37 24.88
CA SER E 393 -4.27 10.04 26.21
C SER E 393 -4.13 11.30 27.06
N SER E 394 -3.63 12.39 26.47
CA SER E 394 -3.51 13.64 27.21
C SER E 394 -4.86 14.13 27.71
N PHE E 395 -5.89 14.01 26.87
CA PHE E 395 -7.22 14.46 27.30
C PHE E 395 -7.78 13.53 28.37
N LYS E 396 -7.53 12.23 28.24
CA LYS E 396 -8.01 11.29 29.25
C LYS E 396 -7.37 11.58 30.59
N ASP E 397 -6.15 12.13 30.58
CA ASP E 397 -5.54 12.58 31.82
C ASP E 397 -6.15 13.89 32.31
N LEU E 398 -6.23 14.89 31.42
CA LEU E 398 -6.63 16.23 31.87
C LEU E 398 -8.07 16.25 32.38
N TYR E 399 -8.96 15.48 31.75
CA TYR E 399 -10.33 15.44 32.22
C TYR E 399 -10.38 14.93 33.66
N LYS E 400 -9.83 13.75 33.89
CA LYS E 400 -9.86 13.18 35.22
C LYS E 400 -9.12 14.06 36.22
N SER E 401 -8.20 14.90 35.74
CA SER E 401 -7.49 15.78 36.66
C SER E 401 -8.32 17.01 37.00
N ARG E 402 -8.87 17.68 35.97
CA ARG E 402 -9.40 19.02 36.21
C ARG E 402 -10.87 18.96 36.62
N PRO E 403 -11.30 19.76 37.60
CA PRO E 403 -12.73 19.80 37.94
C PRO E 403 -13.58 20.57 36.95
N GLU E 404 -13.01 21.56 36.28
CA GLU E 404 -13.83 22.52 35.53
C GLU E 404 -14.48 21.87 34.33
N LEU E 405 -13.78 20.93 33.70
CA LEU E 405 -14.29 20.33 32.47
C LEU E 405 -15.62 19.64 32.71
N HIS E 406 -15.88 19.19 33.94
CA HIS E 406 -17.11 18.46 34.22
C HIS E 406 -18.32 19.37 34.09
N ASP E 407 -18.31 20.48 34.82
CA ASP E 407 -19.45 21.39 34.74
C ASP E 407 -19.50 22.11 33.40
N ALA E 408 -18.34 22.34 32.78
CA ALA E 408 -18.36 22.89 31.42
C ALA E 408 -19.06 21.94 30.46
N ALA E 409 -18.78 20.64 30.56
CA ALA E 409 -19.45 19.67 29.70
C ALA E 409 -20.94 19.58 30.02
N MET E 410 -21.29 19.68 31.29
CA MET E 410 -22.69 19.73 31.66
C MET E 410 -23.40 20.87 30.94
N GLN E 411 -22.87 22.09 31.09
CA GLN E 411 -23.45 23.24 30.40
C GLN E 411 -23.47 23.02 28.89
N SER E 412 -22.44 22.37 28.35
CA SER E 412 -22.36 22.18 26.91
C SER E 412 -23.50 21.29 26.43
N ALA E 413 -23.70 20.15 27.10
CA ALA E 413 -24.79 19.26 26.75
C ALA E 413 -26.12 19.97 26.88
N ILE E 414 -26.29 20.70 27.99
CA ILE E 414 -27.57 21.37 28.25
C ILE E 414 -27.90 22.31 27.11
N GLN E 415 -26.97 23.20 26.77
CA GLN E 415 -27.23 24.09 25.65
C GLN E 415 -27.31 23.34 24.32
N GLY E 416 -26.74 22.13 24.26
CA GLY E 416 -26.86 21.33 23.05
C GLY E 416 -28.20 20.66 22.89
N LEU E 417 -28.99 20.59 23.96
CA LEU E 417 -30.33 20.00 23.85
C LEU E 417 -31.32 20.89 23.13
N SER E 418 -30.89 22.02 22.58
CA SER E 418 -31.78 22.94 21.87
C SER E 418 -31.24 23.25 20.49
N MET E 424 -18.71 25.62 22.54
CA MET E 424 -18.45 24.25 22.12
C MET E 424 -17.90 23.44 23.28
N ASP E 425 -18.06 22.12 23.19
CA ASP E 425 -17.60 21.23 24.24
C ASP E 425 -16.08 21.35 24.41
N PRO E 426 -15.57 20.96 25.58
CA PRO E 426 -14.11 21.05 25.79
C PRO E 426 -13.33 20.00 25.03
N VAL E 427 -13.97 18.94 24.53
CA VAL E 427 -13.23 17.90 23.82
C VAL E 427 -12.76 18.43 22.48
N GLY E 428 -13.70 18.88 21.66
CA GLY E 428 -13.33 19.50 20.40
C GLY E 428 -12.43 20.70 20.60
N ALA E 429 -12.65 21.46 21.67
CA ALA E 429 -11.83 22.64 21.93
C ALA E 429 -10.38 22.23 22.18
N HIS E 430 -10.16 21.25 23.05
CA HIS E 430 -8.80 20.85 23.39
C HIS E 430 -8.12 20.20 22.20
N PHE E 431 -8.84 19.36 21.47
CA PHE E 431 -8.28 18.77 20.25
C PHE E 431 -7.84 19.86 19.28
N LYS E 432 -8.75 20.75 18.92
CA LYS E 432 -8.41 21.83 18.00
C LYS E 432 -7.25 22.67 18.51
N ALA E 433 -7.20 22.90 19.82
CA ALA E 433 -6.11 23.71 20.37
C ALA E 433 -4.77 23.02 20.18
N SER E 434 -4.71 21.74 20.50
CA SER E 434 -3.45 21.01 20.35
C SER E 434 -3.04 20.94 18.89
N LEU E 435 -4.02 20.75 18.00
CA LEU E 435 -3.71 20.71 16.57
C LEU E 435 -3.15 22.04 16.10
N GLN E 436 -3.79 23.14 16.49
CA GLN E 436 -3.31 24.46 16.09
C GLN E 436 -1.92 24.71 16.63
N GLU E 437 -1.66 24.32 17.89
CA GLU E 437 -0.33 24.47 18.45
C GLU E 437 0.68 23.56 17.78
N LEU E 438 0.24 22.49 17.15
CA LEU E 438 1.13 21.55 16.46
C LEU E 438 1.43 21.98 15.03
N ALA E 439 0.49 22.64 14.37
CA ALA E 439 0.61 22.88 12.93
C ALA E 439 1.83 23.73 12.58
N LYS E 440 2.40 24.44 13.55
CA LYS E 440 3.48 25.39 13.31
C LYS E 440 4.63 25.12 14.27
N VAL E 441 5.03 23.85 14.34
CA VAL E 441 6.02 23.40 15.28
C VAL E 441 7.37 23.10 14.61
N ASN E 442 7.38 22.58 13.39
CA ASN E 442 8.59 22.13 12.71
C ASN E 442 9.25 21.00 13.52
N LEU E 443 8.55 19.87 13.53
CA LEU E 443 8.83 18.76 14.44
C LEU E 443 10.30 18.36 14.42
N SER E 444 11.04 18.72 13.37
CA SER E 444 12.48 18.48 13.37
C SER E 444 13.13 19.06 14.62
N THR E 445 12.65 20.20 15.09
CA THR E 445 13.15 20.82 16.31
C THR E 445 12.27 20.36 17.46
N ALA E 446 12.70 19.33 18.18
CA ALA E 446 11.88 18.70 19.21
C ALA E 446 12.78 17.82 20.07
N THR E 447 12.15 17.01 20.92
CA THR E 447 12.85 16.33 22.01
C THR E 447 12.38 14.88 22.08
N ALA E 448 12.74 14.22 23.17
CA ALA E 448 12.70 12.77 23.28
C ALA E 448 11.25 12.27 23.41
N ASP E 449 11.12 10.94 23.58
CA ASP E 449 9.88 10.21 23.35
C ASP E 449 8.83 10.54 24.40
N PRO E 450 8.98 10.13 25.68
CA PRO E 450 7.96 10.40 26.68
C PRO E 450 8.14 11.76 27.34
N MET E 451 8.33 12.79 26.51
CA MET E 451 8.69 14.13 26.97
C MET E 451 7.49 14.97 27.32
N GLY E 452 6.33 14.36 27.60
CA GLY E 452 5.22 15.14 28.10
C GLY E 452 4.42 15.74 26.98
N THR E 453 4.77 16.96 26.61
CA THR E 453 4.02 17.71 25.61
C THR E 453 3.88 16.93 24.32
N VAL E 454 2.63 16.83 23.84
CA VAL E 454 2.29 15.95 22.73
C VAL E 454 3.24 16.17 21.56
N VAL E 455 3.68 17.40 21.34
CA VAL E 455 4.65 17.64 20.27
C VAL E 455 5.95 16.91 20.58
N GLN E 456 6.36 16.91 21.84
CA GLN E 456 7.56 16.17 22.22
C GLN E 456 7.31 14.67 22.21
N ARG E 457 6.05 14.25 22.27
CA ARG E 457 5.73 12.84 22.20
C ARG E 457 5.72 12.33 20.77
N VAL E 458 5.39 13.20 19.82
CA VAL E 458 5.12 12.78 18.45
C VAL E 458 6.35 13.02 17.58
N ALA E 459 7.10 14.09 17.87
CA ALA E 459 8.26 14.40 17.05
C ALA E 459 9.37 13.36 17.22
N ALA E 460 9.43 12.71 18.38
CA ALA E 460 10.36 11.61 18.53
C ALA E 460 10.09 10.53 17.49
N VAL E 461 8.83 10.10 17.39
CA VAL E 461 8.44 9.11 16.41
C VAL E 461 8.74 9.62 15.02
N PHE E 462 8.36 10.87 14.73
CA PHE E 462 8.60 11.47 13.43
C PHE E 462 10.07 11.34 13.04
N GLN E 463 10.96 11.90 13.86
CA GLN E 463 12.38 11.93 13.51
C GLN E 463 12.96 10.52 13.45
N LYS E 464 12.60 9.65 14.38
CA LYS E 464 13.16 8.30 14.38
C LYS E 464 12.73 7.55 13.12
N ARG E 465 11.45 7.64 12.77
CA ARG E 465 10.97 6.98 11.57
C ARG E 465 11.64 7.56 10.33
N GLU E 466 11.86 8.87 10.31
CA GLU E 466 12.53 9.48 9.17
C GLU E 466 13.98 9.03 9.07
N LYS E 467 14.63 8.79 10.21
CA LYS E 467 16.00 8.30 10.18
C LYS E 467 16.05 6.87 9.66
N GLU E 468 15.13 6.03 10.14
CA GLU E 468 15.04 4.66 9.63
C GLU E 468 14.63 4.63 8.17
N PHE E 469 14.08 5.74 7.68
CA PHE E 469 13.74 5.86 6.27
C PHE E 469 14.96 6.24 5.44
N LEU E 470 15.64 7.33 5.80
CA LEU E 470 16.70 7.87 4.97
C LEU E 470 17.88 6.93 4.86
N ASP E 471 18.09 6.05 5.83
CA ASP E 471 19.21 5.12 5.77
C ASP E 471 19.02 4.05 4.70
N THR E 472 17.83 3.92 4.12
CA THR E 472 17.55 2.86 3.17
C THR E 472 17.40 3.34 1.74
N PHE E 473 17.10 4.62 1.53
CA PHE E 473 17.10 5.24 0.21
C PHE E 473 18.09 6.38 0.16
N THR E 474 19.15 6.29 0.96
CA THR E 474 20.29 7.19 0.85
C THR E 474 21.50 6.51 1.47
N VAL E 475 22.67 7.05 1.15
CA VAL E 475 23.91 6.56 1.72
C VAL E 475 24.14 7.26 3.04
N LYS E 476 24.88 6.59 3.92
CA LYS E 476 25.20 7.11 5.24
C LYS E 476 26.54 7.82 5.24
N ALA E 477 26.63 8.89 6.02
CA ALA E 477 27.85 9.70 6.04
C ALA E 477 29.03 8.95 6.61
N THR E 478 28.79 7.96 7.46
CA THR E 478 29.90 7.14 7.97
C THR E 478 30.51 6.29 6.85
N GLU E 479 29.67 5.65 6.03
CA GLU E 479 30.19 4.91 4.89
C GLU E 479 30.99 5.82 3.96
N ALA E 480 30.51 7.02 3.71
CA ALA E 480 31.28 7.97 2.92
C ALA E 480 32.63 8.23 3.58
N GLN E 481 32.61 8.80 4.78
CA GLN E 481 33.85 9.19 5.46
C GLN E 481 34.86 8.06 5.44
N GLU E 482 34.41 6.84 5.77
CA GLU E 482 35.33 5.70 5.81
C GLU E 482 36.20 5.64 4.56
N ILE E 483 35.57 5.51 3.40
CA ILE E 483 36.36 5.29 2.20
C ILE E 483 37.00 6.59 1.72
N LYS E 484 36.27 7.70 1.83
CA LYS E 484 36.81 8.98 1.38
C LYS E 484 38.12 9.30 2.06
N THR E 485 38.24 8.96 3.34
CA THR E 485 39.41 9.36 4.11
C THR E 485 40.43 8.24 4.28
N ILE E 486 40.02 6.99 4.04
CA ILE E 486 40.88 5.85 4.32
C ILE E 486 41.28 5.11 3.06
N VAL E 487 40.51 5.20 1.98
CA VAL E 487 40.64 4.27 0.87
C VAL E 487 41.06 5.02 -0.38
N ASP E 488 40.25 6.00 -0.80
CA ASP E 488 40.39 6.54 -2.14
C ASP E 488 41.62 7.43 -2.27
N LYS E 489 41.67 8.51 -1.50
CA LYS E 489 42.74 9.49 -1.71
C LYS E 489 44.10 8.96 -1.30
N CYS E 490 44.16 7.87 -0.52
CA CYS E 490 45.45 7.28 -0.22
C CYS E 490 46.08 6.67 -1.46
N HIS E 491 45.29 6.31 -2.46
CA HIS E 491 45.81 5.84 -3.74
C HIS E 491 46.63 6.94 -4.41
N LYS E 492 45.97 8.02 -4.81
CA LYS E 492 46.58 9.05 -5.64
C LYS E 492 45.72 10.31 -5.63
N GLY E 493 46.31 11.39 -6.10
CA GLY E 493 45.73 12.71 -6.01
C GLY E 493 45.08 13.19 -7.28
N ASN E 494 45.85 13.95 -8.06
CA ASN E 494 45.33 14.89 -9.06
C ASN E 494 44.19 14.32 -9.89
N THR E 495 44.20 13.00 -10.15
CA THR E 495 43.11 12.38 -10.88
C THR E 495 42.58 11.11 -10.24
N PHE E 496 43.25 10.56 -9.22
CA PHE E 496 42.91 9.25 -8.69
C PHE E 496 43.00 8.20 -9.80
N ASP E 497 44.24 7.96 -10.23
CA ASP E 497 44.47 7.30 -11.50
C ASP E 497 44.02 5.85 -11.51
N PHE E 498 44.69 4.98 -10.75
CA PHE E 498 44.48 3.55 -10.90
C PHE E 498 44.44 2.92 -9.51
N HIS E 499 44.39 1.59 -9.48
CA HIS E 499 43.97 0.85 -8.30
C HIS E 499 44.81 -0.38 -7.99
N ALA E 500 45.75 -0.77 -8.85
CA ALA E 500 46.68 -1.83 -8.48
C ALA E 500 47.43 -1.49 -7.20
N LEU E 501 47.66 -0.20 -6.94
CA LEU E 501 48.24 0.26 -5.69
C LEU E 501 47.17 0.18 -4.59
N SER E 502 46.97 -1.04 -4.09
CA SER E 502 46.00 -1.25 -3.02
C SER E 502 46.11 -2.68 -2.54
N ASP E 503 45.45 -2.95 -1.42
CA ASP E 503 45.38 -4.29 -0.85
C ASP E 503 44.28 -5.10 -1.53
N GLU E 504 44.13 -6.34 -1.06
CA GLU E 504 43.02 -7.16 -1.52
C GLU E 504 41.68 -6.56 -1.11
N GLU E 505 41.67 -5.76 -0.05
CA GLU E 505 40.43 -5.17 0.45
C GLU E 505 39.81 -4.20 -0.54
N LEU E 506 40.51 -3.87 -1.62
CA LEU E 506 39.86 -3.21 -2.74
C LEU E 506 38.59 -3.94 -3.16
N ARG E 507 38.63 -5.28 -3.12
CA ARG E 507 37.44 -6.05 -3.47
C ARG E 507 36.26 -5.66 -2.60
N ARG E 508 36.51 -5.39 -1.31
CA ARG E 508 35.43 -4.95 -0.45
C ARG E 508 34.84 -3.63 -0.94
N LEU E 509 35.69 -2.70 -1.37
CA LEU E 509 35.18 -1.47 -1.97
C LEU E 509 34.22 -1.79 -3.11
N GLU E 510 34.56 -2.78 -3.94
CA GLU E 510 33.66 -3.17 -5.00
C GLU E 510 32.32 -3.63 -4.41
N GLN E 511 32.38 -4.46 -3.37
CA GLN E 511 31.15 -4.84 -2.68
C GLN E 511 30.44 -3.60 -2.18
N LEU E 512 31.19 -2.64 -1.65
CA LEU E 512 30.60 -1.41 -1.18
C LEU E 512 29.85 -0.71 -2.31
N TYR E 513 30.45 -0.69 -3.50
CA TYR E 513 29.77 -0.16 -4.67
C TYR E 513 28.40 -0.79 -4.80
N SER E 514 28.34 -2.12 -4.75
CA SER E 514 27.10 -2.83 -5.01
C SER E 514 26.06 -2.59 -3.92
N THR E 515 26.44 -1.98 -2.79
CA THR E 515 25.41 -1.55 -1.87
C THR E 515 24.80 -0.25 -2.35
N VAL E 516 25.64 0.74 -2.63
CA VAL E 516 25.17 2.11 -2.75
C VAL E 516 24.18 2.22 -3.90
N ASN E 517 24.63 1.88 -5.10
CA ASN E 517 23.78 1.94 -6.28
C ASN E 517 22.56 1.05 -6.15
N ASN E 518 22.59 0.06 -5.27
CA ASN E 518 21.45 -0.83 -5.09
C ASN E 518 20.54 -0.42 -3.96
N ARG E 519 20.84 0.69 -3.30
CA ARG E 519 19.87 1.39 -2.45
C ARG E 519 19.37 2.67 -3.08
N VAL E 520 20.27 3.47 -3.65
CA VAL E 520 19.88 4.65 -4.40
C VAL E 520 19.09 4.27 -5.65
N GLY E 521 19.52 3.23 -6.34
CA GLY E 521 18.83 2.78 -7.53
C GLY E 521 19.49 3.12 -8.84
N PHE E 522 20.79 3.40 -8.84
CA PHE E 522 21.51 3.58 -10.08
C PHE E 522 21.76 2.25 -10.76
N GLU E 523 21.89 2.29 -12.08
CA GLU E 523 22.16 1.10 -12.90
C GLU E 523 23.49 1.34 -13.61
N THR E 524 24.54 0.68 -13.11
CA THR E 524 25.83 0.66 -13.77
C THR E 524 26.08 -0.71 -14.36
N ILE E 525 26.74 -0.72 -15.53
CA ILE E 525 27.07 -1.96 -16.21
C ILE E 525 28.03 -2.76 -15.34
N HIS E 526 27.70 -4.04 -15.16
CA HIS E 526 28.63 -4.99 -14.55
C HIS E 526 29.52 -5.57 -15.66
N GLU E 527 30.78 -5.14 -15.69
CA GLU E 527 31.67 -5.53 -16.77
C GLU E 527 31.80 -7.04 -16.85
N ASN E 528 31.79 -7.71 -15.70
CA ASN E 528 32.05 -9.15 -15.66
C ASN E 528 30.91 -9.96 -16.28
N SER E 529 29.81 -9.32 -16.66
CA SER E 529 28.77 -10.04 -17.38
C SER E 529 29.26 -10.44 -18.77
N ILE E 530 30.23 -9.70 -19.32
CA ILE E 530 30.95 -10.19 -20.48
C ILE E 530 31.62 -11.51 -20.16
N LYS E 531 31.68 -12.40 -21.14
CA LYS E 531 32.31 -13.68 -20.99
C LYS E 531 33.32 -13.86 -22.12
N PRO E 532 34.50 -14.39 -21.83
CA PRO E 532 35.50 -14.54 -22.89
C PRO E 532 35.19 -15.72 -23.79
N VAL E 533 36.07 -16.02 -24.72
CA VAL E 533 35.82 -17.07 -25.70
C VAL E 533 36.30 -18.41 -25.16
N ALA E 534 35.62 -19.47 -25.61
CA ALA E 534 36.07 -20.83 -25.35
C ALA E 534 36.76 -21.37 -26.60
N PRO E 535 38.04 -21.72 -26.55
CA PRO E 535 38.68 -22.31 -27.73
C PRO E 535 38.07 -23.65 -28.08
N LEU E 536 38.01 -23.92 -29.38
CA LEU E 536 37.55 -25.20 -29.91
C LEU E 536 38.65 -25.95 -30.63
N SER E 537 39.26 -25.36 -31.65
CA SER E 537 40.29 -26.01 -32.44
C SER E 537 41.51 -25.11 -32.53
N GLU E 538 42.63 -25.73 -32.91
CA GLU E 538 43.91 -25.03 -32.91
C GLU E 538 43.94 -23.90 -33.92
N ASN E 539 43.30 -24.09 -35.07
CA ASN E 539 43.34 -23.10 -36.14
C ASN E 539 42.82 -21.75 -35.69
N SER E 540 41.98 -21.72 -34.65
CA SER E 540 41.40 -20.47 -34.15
C SER E 540 42.29 -19.75 -33.15
N LYS E 541 43.37 -20.40 -32.69
CA LYS E 541 44.15 -19.85 -31.59
C LYS E 541 44.68 -18.45 -31.90
N GLY E 542 44.98 -18.18 -33.16
CA GLY E 542 45.54 -16.88 -33.51
C GLY E 542 44.55 -15.74 -33.46
N PHE E 543 43.26 -16.03 -33.36
CA PHE E 543 42.22 -15.02 -33.24
C PHE E 543 41.78 -14.81 -31.80
N VAL E 544 41.43 -15.90 -31.11
CA VAL E 544 40.88 -15.80 -29.77
C VAL E 544 41.77 -14.96 -28.86
N GLU E 545 43.08 -15.22 -28.92
CA GLU E 545 43.98 -14.49 -28.03
C GLU E 545 43.90 -13.00 -28.27
N PHE E 546 43.85 -12.57 -29.53
CA PHE E 546 43.75 -11.15 -29.81
C PHE E 546 42.49 -10.57 -29.20
N VAL E 547 41.43 -11.35 -29.15
CA VAL E 547 40.25 -10.95 -28.39
C VAL E 547 40.59 -10.87 -26.91
N ASN E 548 40.95 -12.00 -26.33
CA ASN E 548 40.95 -12.09 -24.86
C ASN E 548 41.96 -11.13 -24.25
N THR E 549 43.17 -11.10 -24.80
CA THR E 549 44.12 -10.09 -24.38
C THR E 549 43.49 -8.71 -24.41
N GLN E 550 42.99 -8.31 -25.58
CA GLN E 550 42.38 -7.01 -25.71
C GLN E 550 41.22 -6.86 -24.74
N LEU E 551 40.48 -7.95 -24.49
CA LEU E 551 39.36 -7.86 -23.58
C LEU E 551 39.81 -7.42 -22.21
N GLU E 552 40.90 -8.00 -21.71
CA GLU E 552 41.43 -7.57 -20.42
C GLU E 552 41.79 -6.08 -20.48
N ILE E 553 42.41 -5.66 -21.58
CA ILE E 553 42.79 -4.27 -21.74
C ILE E 553 41.57 -3.37 -21.75
N THR E 554 40.40 -3.92 -22.04
CA THR E 554 39.16 -3.19 -21.91
C THR E 554 38.46 -3.44 -20.58
N LYS E 555 38.60 -4.62 -19.99
CA LYS E 555 37.87 -4.93 -18.78
C LYS E 555 38.42 -4.14 -17.61
N ALA E 556 39.75 -4.12 -17.47
CA ALA E 556 40.35 -3.39 -16.35
C ALA E 556 40.24 -1.89 -16.56
N LYS E 557 40.56 -1.42 -17.76
CA LYS E 557 40.47 -0.01 -18.06
C LYS E 557 39.11 0.55 -17.66
N LEU E 558 38.06 -0.05 -18.21
CA LEU E 558 36.69 0.33 -17.85
C LEU E 558 36.52 0.39 -16.35
N ARG E 559 37.02 -0.60 -15.64
CA ARG E 559 36.97 -0.59 -14.17
C ARG E 559 37.45 0.74 -13.61
N ASN E 560 38.62 1.19 -14.04
CA ASN E 560 39.13 2.47 -13.59
C ASN E 560 38.14 3.60 -13.87
N ALA E 561 37.66 3.68 -15.11
CA ALA E 561 36.75 4.75 -15.47
C ALA E 561 35.45 4.65 -14.70
N ARG E 562 35.18 3.50 -14.10
CA ARG E 562 34.08 3.41 -13.17
C ARG E 562 34.46 4.06 -11.85
N LEU E 563 35.50 3.54 -11.20
CA LEU E 563 35.69 3.83 -9.78
C LEU E 563 36.11 5.28 -9.56
N THR E 564 36.80 5.88 -10.53
CA THR E 564 37.11 7.30 -10.40
C THR E 564 35.85 8.11 -10.17
N ALA E 565 34.80 7.81 -10.93
CA ALA E 565 33.52 8.46 -10.67
C ALA E 565 33.08 8.24 -9.24
N PHE E 566 33.10 6.98 -8.79
CA PHE E 566 32.75 6.68 -7.41
C PHE E 566 33.61 7.45 -6.43
N ALA E 567 34.85 7.74 -6.80
CA ALA E 567 35.69 8.54 -5.92
C ALA E 567 35.38 10.02 -6.05
N HIS E 568 35.16 10.50 -7.26
CA HIS E 568 35.03 11.93 -7.49
C HIS E 568 33.65 12.47 -7.15
N ALA E 569 32.72 11.60 -6.75
CA ALA E 569 31.60 12.06 -5.95
C ALA E 569 31.99 12.20 -4.48
N PHE E 570 32.96 11.42 -4.03
CA PHE E 570 33.36 11.39 -2.64
C PHE E 570 34.64 12.16 -2.37
N VAL E 571 35.32 12.63 -3.42
CA VAL E 571 36.64 13.27 -3.31
C VAL E 571 37.50 12.57 -2.27
#